data_4ONC
#
_entry.id   4ONC
#
_cell.length_a   77.809
_cell.length_b   89.167
_cell.length_c   93.880
_cell.angle_alpha   90.00
_cell.angle_beta   90.00
_cell.angle_gamma   90.00
#
_symmetry.space_group_name_H-M   'P 21 21 21'
#
loop_
_entity.id
_entity.type
_entity.pdbx_description
1 polymer 'Decaprenyl diphosphate synthase'
2 non-polymer "[hydroxy(1,1':3',1''-terphenyl-3-yl)methanediyl]bis(phosphonic acid)"
3 water water
#
_entity_poly.entity_id   1
_entity_poly.type   'polypeptide(L)'
_entity_poly.pdbx_seq_one_letter_code
;FPQLPPAPDDYPTFPDTSTWPVVFPELPAAPYGGPCRPPQHTSKAAAPRIPADRLPNHVAIVMDGNGRWATQRGLARTEG
HKMGEAVVIDIACGAIELGIKWLSLYAFSTENWKRSPEEVRFLMGFNRDVVRRRRDTLKKLGVRIRWVGSRPRLWRSVIN
ELAVAEEMTKSNDVITINYCVNYGGRTEITEATREIAREVAAGRLNPERITESTIARHLQRPDIPDVDLFLRTSGEQRSS
NFMLWQAAYAEYIFQDKLWPDYDRRDLWAACEEYASRTRRFGSA
;
_entity_poly.pdbx_strand_id   A,B
#
# COMPACT_ATOMS: atom_id res chain seq x y z
N PHE A 1 -16.77 24.06 6.08
CA PHE A 1 -16.36 23.44 7.38
C PHE A 1 -17.42 22.47 7.82
N PRO A 2 -17.36 21.24 7.29
CA PRO A 2 -18.56 20.40 7.41
C PRO A 2 -18.70 19.68 8.74
N GLN A 3 -18.01 20.16 9.79
CA GLN A 3 -18.11 19.47 11.07
C GLN A 3 -19.43 19.76 11.72
N LEU A 4 -19.94 18.82 12.46
CA LEU A 4 -21.04 19.15 13.40
C LEU A 4 -20.43 20.04 14.50
N PRO A 5 -21.20 21.02 15.02
CA PRO A 5 -20.65 21.86 16.09
C PRO A 5 -20.63 21.02 17.36
N PRO A 6 -19.84 21.43 18.38
CA PRO A 6 -19.91 20.76 19.68
C PRO A 6 -21.37 20.56 20.07
N ALA A 7 -21.68 19.34 20.46
CA ALA A 7 -22.85 19.02 21.24
C ALA A 7 -23.04 19.88 22.52
N PRO A 8 -24.31 20.08 22.92
CA PRO A 8 -24.55 20.67 24.24
C PRO A 8 -23.86 19.81 25.28
N ASP A 9 -23.43 20.44 26.37
CA ASP A 9 -22.76 19.73 27.44
C ASP A 9 -23.51 18.47 27.87
N ASP A 10 -24.84 18.52 27.83
CA ASP A 10 -25.63 17.42 28.40
C ASP A 10 -26.05 16.41 27.32
N TYR A 11 -25.62 16.58 26.08
CA TYR A 11 -26.03 15.65 25.02
C TYR A 11 -25.47 14.23 25.37
N PRO A 12 -26.18 13.14 25.03
CA PRO A 12 -25.67 11.83 25.37
C PRO A 12 -24.20 11.58 24.91
N THR A 13 -23.52 10.76 25.72
CA THR A 13 -22.13 10.40 25.45
C THR A 13 -22.02 8.91 25.09
N PHE A 14 -20.84 8.57 24.51
CA PHE A 14 -20.59 7.19 24.16
C PHE A 14 -19.04 7.05 24.10
N PRO A 15 -18.47 5.89 24.55
CA PRO A 15 -19.10 4.69 25.11
C PRO A 15 -19.10 4.61 26.67
N ASP A 16 -20.16 4.01 27.22
CA ASP A 16 -20.22 3.56 28.63
C ASP A 16 -19.80 2.12 28.73
N THR A 17 -18.57 1.90 29.18
CA THR A 17 -17.97 0.56 29.12
C THR A 17 -18.27 -0.19 30.37
N SER A 18 -19.25 0.27 31.14
CA SER A 18 -19.62 -0.49 32.38
C SER A 18 -20.50 -1.74 32.11
N THR A 19 -20.95 -1.94 30.86
CA THR A 19 -21.65 -3.16 30.47
C THR A 19 -21.03 -3.64 29.18
N TRP A 20 -21.06 -4.94 28.95
CA TRP A 20 -20.70 -5.48 27.66
C TRP A 20 -21.87 -6.36 27.28
N PRO A 21 -22.48 -6.13 26.07
CA PRO A 21 -22.23 -5.13 25.03
C PRO A 21 -22.53 -3.76 25.57
N VAL A 22 -21.88 -2.74 25.04
CA VAL A 22 -22.07 -1.37 25.55
C VAL A 22 -23.49 -0.99 25.08
N VAL A 23 -24.21 -0.24 25.89
CA VAL A 23 -25.56 0.14 25.52
C VAL A 23 -25.46 1.49 24.86
N PHE A 24 -25.93 1.60 23.63
CA PHE A 24 -25.86 2.82 22.90
C PHE A 24 -27.01 3.71 23.48
N PRO A 25 -26.72 5.00 23.82
CA PRO A 25 -27.75 5.90 24.47
C PRO A 25 -28.92 6.22 23.59
N GLU A 26 -30.10 6.38 24.23
CA GLU A 26 -31.21 7.07 23.58
C GLU A 26 -30.82 8.45 23.16
N LEU A 27 -31.18 8.86 21.97
CA LEU A 27 -30.88 10.17 21.53
C LEU A 27 -32.22 10.95 21.39
N PRO A 28 -32.20 12.29 21.55
CA PRO A 28 -33.37 13.13 21.20
C PRO A 28 -33.73 12.89 19.72
N ALA A 29 -35.01 12.84 19.36
CA ALA A 29 -35.40 12.54 17.94
C ALA A 29 -35.10 13.75 17.10
N ALA A 30 -34.69 13.55 15.86
CA ALA A 30 -34.18 14.67 15.03
C ALA A 30 -35.14 15.90 14.92
N GLY A 34 -35.18 13.12 10.10
CA GLY A 34 -33.90 12.70 9.46
C GLY A 34 -32.98 11.91 10.42
N PRO A 35 -31.67 11.87 10.15
CA PRO A 35 -30.79 11.12 11.11
C PRO A 35 -30.58 11.83 12.45
N CYS A 36 -30.39 11.08 13.54
CA CYS A 36 -30.01 11.68 14.84
C CYS A 36 -28.55 12.21 14.91
N ARG A 37 -28.33 13.26 15.68
CA ARG A 37 -26.99 13.72 15.94
C ARG A 37 -26.27 12.63 16.81
N PRO A 38 -25.07 12.20 16.39
CA PRO A 38 -24.50 11.07 17.16
C PRO A 38 -24.11 11.50 18.57
N PRO A 39 -24.00 10.57 19.52
CA PRO A 39 -23.58 11.00 20.85
C PRO A 39 -22.14 11.52 20.78
N GLN A 40 -21.82 12.48 21.65
CA GLN A 40 -20.46 12.99 21.71
C GLN A 40 -19.58 11.94 22.48
N HIS A 41 -18.26 12.06 22.37
CA HIS A 41 -17.36 11.19 23.14
C HIS A 41 -17.55 11.44 24.63
N THR A 42 -17.26 10.44 25.45
CA THR A 42 -17.29 10.62 26.91
C THR A 42 -16.37 11.78 27.39
N SER A 43 -15.32 12.10 26.64
CA SER A 43 -14.36 13.17 27.02
C SER A 43 -15.04 14.51 26.74
N LYS A 44 -16.13 14.45 25.98
CA LYS A 44 -16.78 15.66 25.48
C LYS A 44 -15.93 16.55 24.56
N ALA A 45 -14.85 16.03 24.00
CA ALA A 45 -14.06 16.72 22.94
C ALA A 45 -14.94 16.96 21.74
N ALA A 46 -14.62 17.98 20.95
CA ALA A 46 -15.40 18.20 19.76
C ALA A 46 -14.48 18.06 18.55
N ALA A 47 -15.05 17.80 17.37
CA ALA A 47 -14.24 17.54 16.19
C ALA A 47 -13.48 18.79 15.77
N PRO A 48 -12.21 18.65 15.28
CA PRO A 48 -11.47 19.80 14.80
C PRO A 48 -12.09 20.40 13.55
N ARG A 49 -11.90 21.71 13.38
CA ARG A 49 -12.39 22.44 12.21
C ARG A 49 -11.47 22.18 11.05
N ILE A 50 -11.88 21.34 10.10
CA ILE A 50 -11.03 21.03 8.93
C ILE A 50 -11.85 21.38 7.73
N PRO A 51 -11.31 22.25 6.87
CA PRO A 51 -12.09 22.63 5.66
C PRO A 51 -12.37 21.45 4.78
N ALA A 52 -13.47 21.53 4.04
CA ALA A 52 -13.89 20.46 3.19
C ALA A 52 -12.86 20.00 2.21
N ASP A 53 -12.12 20.93 1.59
CA ASP A 53 -11.19 20.51 0.56
C ASP A 53 -9.88 19.96 1.19
N ARG A 54 -9.80 19.86 2.53
CA ARG A 54 -8.64 19.21 3.11
C ARG A 54 -8.99 17.92 3.91
N LEU A 55 -10.28 17.60 3.94
CA LEU A 55 -10.79 16.44 4.60
C LEU A 55 -10.64 15.19 3.74
N PRO A 56 -10.27 14.02 4.36
CA PRO A 56 -10.29 12.78 3.54
C PRO A 56 -11.78 12.50 3.24
N ASN A 57 -12.13 12.19 1.99
CA ASN A 57 -13.54 11.81 1.70
C ASN A 57 -13.72 10.36 2.26
N HIS A 58 -12.67 9.54 2.11
CA HIS A 58 -12.74 8.09 2.39
C HIS A 58 -11.56 7.67 3.26
N VAL A 59 -11.88 7.16 4.45
CA VAL A 59 -10.87 6.66 5.37
C VAL A 59 -11.00 5.13 5.44
N ALA A 60 -9.88 4.43 5.36
CA ALA A 60 -9.90 2.96 5.58
C ALA A 60 -9.11 2.66 6.87
N ILE A 61 -9.57 1.68 7.66
CA ILE A 61 -8.94 1.43 8.97
C ILE A 61 -8.76 -0.06 9.09
N VAL A 62 -7.51 -0.44 9.41
CA VAL A 62 -7.21 -1.81 9.88
C VAL A 62 -7.08 -1.74 11.40
N MET A 63 -7.89 -2.56 12.10
CA MET A 63 -8.15 -2.38 13.53
C MET A 63 -7.26 -3.36 14.26
N ASP A 64 -6.01 -3.03 14.41
CA ASP A 64 -5.03 -3.97 14.84
C ASP A 64 -4.72 -3.80 16.32
N GLY A 65 -4.28 -4.87 16.96
CA GLY A 65 -3.84 -4.80 18.34
C GLY A 65 -4.75 -5.39 19.43
N ASN A 66 -5.81 -6.08 19.05
CA ASN A 66 -6.76 -6.56 20.06
C ASN A 66 -6.13 -7.67 20.94
N GLY A 67 -5.24 -8.51 20.37
CA GLY A 67 -4.65 -9.56 21.22
C GLY A 67 -3.53 -8.98 22.09
N ARG A 68 -2.70 -8.06 21.62
CA ARG A 68 -1.67 -7.48 22.49
C ARG A 68 -2.38 -6.83 23.64
N TRP A 69 -3.54 -6.18 23.34
CA TRP A 69 -4.28 -5.48 24.37
C TRP A 69 -4.77 -6.45 25.41
N ALA A 70 -5.33 -7.55 24.96
CA ALA A 70 -5.89 -8.51 25.86
C ALA A 70 -4.73 -9.25 26.64
N THR A 71 -3.62 -9.47 25.98
CA THR A 71 -2.46 -10.11 26.65
C THR A 71 -1.87 -9.27 27.79
N GLN A 72 -1.80 -7.96 27.60
CA GLN A 72 -1.32 -7.14 28.66
C GLN A 72 -2.19 -7.28 29.91
N ARG A 73 -3.48 -7.57 29.72
CA ARG A 73 -4.44 -7.68 30.82
C ARG A 73 -4.68 -9.13 31.29
N GLY A 74 -3.82 -10.02 30.81
CA GLY A 74 -3.96 -11.49 30.98
C GLY A 74 -5.30 -12.04 30.52
N LEU A 75 -5.87 -11.51 29.43
CA LEU A 75 -7.25 -11.93 28.95
C LEU A 75 -7.10 -12.69 27.65
N ALA A 76 -8.14 -13.42 27.19
CA ALA A 76 -8.10 -14.08 25.89
C ALA A 76 -8.21 -13.01 24.80
N ARG A 77 -7.72 -13.30 23.59
CA ARG A 77 -7.85 -12.34 22.50
C ARG A 77 -9.31 -11.95 22.27
N THR A 78 -10.22 -12.88 22.50
CA THR A 78 -11.65 -12.58 22.34
C THR A 78 -12.13 -11.41 23.18
N GLU A 79 -11.55 -11.14 24.36
CA GLU A 79 -11.90 -9.90 25.11
C GLU A 79 -11.49 -8.64 24.41
N GLY A 80 -10.34 -8.69 23.73
CA GLY A 80 -9.92 -7.53 22.92
C GLY A 80 -10.92 -7.29 21.77
N HIS A 81 -11.35 -8.36 21.09
CA HIS A 81 -12.39 -8.21 20.08
C HIS A 81 -13.61 -7.60 20.64
N LYS A 82 -14.08 -8.10 21.81
CA LYS A 82 -15.23 -7.50 22.44
C LYS A 82 -15.16 -6.03 22.72
N MET A 83 -14.05 -5.58 23.31
CA MET A 83 -13.85 -4.11 23.53
C MET A 83 -13.80 -3.30 22.25
N GLY A 84 -13.35 -3.97 21.17
CA GLY A 84 -13.22 -3.31 19.84
C GLY A 84 -14.57 -2.89 19.21
N GLU A 85 -15.67 -3.54 19.65
CA GLU A 85 -17.01 -3.30 19.09
C GLU A 85 -17.35 -1.85 19.39
N ALA A 86 -17.17 -1.44 20.65
CA ALA A 86 -17.53 -0.07 20.95
C ALA A 86 -16.62 0.92 20.30
N VAL A 87 -15.36 0.56 20.04
CA VAL A 87 -14.48 1.49 19.35
C VAL A 87 -14.97 1.72 17.91
N VAL A 88 -15.46 0.64 17.24
CA VAL A 88 -16.01 0.81 15.88
C VAL A 88 -17.13 1.87 15.91
N ILE A 89 -18.07 1.71 16.86
CA ILE A 89 -19.19 2.65 16.94
C ILE A 89 -18.72 4.04 17.26
N ASP A 90 -17.78 4.16 18.20
CA ASP A 90 -17.27 5.45 18.54
C ASP A 90 -16.62 6.11 17.36
N ILE A 91 -15.85 5.32 16.59
CA ILE A 91 -15.18 5.89 15.41
C ILE A 91 -16.22 6.32 14.35
N ALA A 92 -17.24 5.51 14.21
CA ALA A 92 -18.32 5.94 13.29
C ALA A 92 -18.92 7.31 13.73
N CYS A 93 -19.28 7.43 15.02
CA CYS A 93 -19.75 8.75 15.57
C CYS A 93 -18.81 9.89 15.32
N GLY A 94 -17.50 9.65 15.53
CA GLY A 94 -16.45 10.62 15.30
C GLY A 94 -16.31 11.01 13.85
N ALA A 95 -16.46 10.02 12.97
CA ALA A 95 -16.32 10.26 11.56
C ALA A 95 -17.51 11.15 11.10
N ILE A 96 -18.70 10.87 11.66
CA ILE A 96 -19.88 11.69 11.30
C ILE A 96 -19.64 13.13 11.79
N GLU A 97 -19.20 13.28 13.04
CA GLU A 97 -18.91 14.62 13.59
C GLU A 97 -17.92 15.36 12.78
N LEU A 98 -16.90 14.67 12.25
CA LEU A 98 -15.93 15.37 11.45
C LEU A 98 -16.37 15.64 9.99
N GLY A 99 -17.33 14.86 9.45
CA GLY A 99 -17.79 15.08 8.10
C GLY A 99 -17.16 14.09 7.06
N ILE A 100 -16.50 13.01 7.53
CA ILE A 100 -16.05 11.98 6.64
C ILE A 100 -17.27 11.27 5.97
N LYS A 101 -17.19 11.02 4.67
CA LYS A 101 -18.32 10.39 3.97
C LYS A 101 -18.26 8.89 3.74
N TRP A 102 -17.05 8.30 3.73
CA TRP A 102 -16.89 6.86 3.51
C TRP A 102 -15.91 6.32 4.51
N LEU A 103 -16.20 5.17 5.14
CA LEU A 103 -15.31 4.56 6.08
C LEU A 103 -15.25 3.04 5.74
N SER A 104 -14.06 2.52 5.42
CA SER A 104 -13.93 1.10 5.21
C SER A 104 -13.21 0.45 6.40
N LEU A 105 -13.79 -0.60 6.98
CA LEU A 105 -13.29 -1.20 8.20
C LEU A 105 -12.88 -2.64 7.88
N TYR A 106 -11.67 -3.06 8.26
CA TYR A 106 -11.22 -4.45 7.87
C TYR A 106 -11.62 -5.39 9.00
N ALA A 107 -12.90 -5.77 9.05
CA ALA A 107 -13.35 -6.61 10.18
C ALA A 107 -12.78 -8.01 10.15
N PHE A 108 -12.58 -8.62 8.96
CA PHE A 108 -12.11 -10.02 8.89
C PHE A 108 -11.37 -10.21 7.59
N SER A 109 -10.06 -10.44 7.67
CA SER A 109 -9.25 -10.73 6.48
C SER A 109 -9.39 -12.21 6.07
N THR A 110 -9.29 -12.47 4.79
CA THR A 110 -9.10 -13.81 4.28
C THR A 110 -7.88 -14.51 4.94
N GLU A 111 -6.90 -13.74 5.43
CA GLU A 111 -5.78 -14.32 6.22
C GLU A 111 -6.18 -14.91 7.55
N ASN A 112 -7.36 -14.54 8.06
CA ASN A 112 -7.77 -15.00 9.37
C ASN A 112 -8.17 -16.46 9.41
N TRP A 113 -8.32 -17.07 8.25
CA TRP A 113 -8.58 -18.50 8.20
C TRP A 113 -7.39 -19.28 8.72
N LYS A 114 -6.23 -18.66 8.86
CA LYS A 114 -5.08 -19.33 9.51
C LYS A 114 -5.19 -19.36 11.07
N ARG A 115 -6.14 -18.61 11.66
CA ARG A 115 -6.20 -18.52 13.12
C ARG A 115 -6.79 -19.83 13.71
N SER A 116 -6.80 -19.99 15.02
CA SER A 116 -7.44 -21.29 15.40
C SER A 116 -8.94 -21.34 14.93
N PRO A 117 -9.43 -22.53 14.55
CA PRO A 117 -10.82 -22.67 14.17
C PRO A 117 -11.77 -22.12 15.26
N GLU A 118 -11.40 -22.24 16.55
CA GLU A 118 -12.27 -21.79 17.67
C GLU A 118 -12.34 -20.27 17.60
N GLU A 119 -11.19 -19.63 17.37
CA GLU A 119 -11.22 -18.14 17.23
C GLU A 119 -12.01 -17.66 15.96
N VAL A 120 -11.84 -18.39 14.86
CA VAL A 120 -12.57 -18.09 13.63
C VAL A 120 -14.05 -18.23 13.83
N ARG A 121 -14.42 -19.30 14.54
CA ARG A 121 -15.83 -19.48 14.82
C ARG A 121 -16.37 -18.33 15.71
N PHE A 122 -15.64 -17.96 16.75
CA PHE A 122 -15.99 -16.82 17.56
C PHE A 122 -16.15 -15.54 16.66
N LEU A 123 -15.18 -15.28 15.76
CA LEU A 123 -15.17 -14.02 15.00
C LEU A 123 -16.34 -14.00 14.03
N MET A 124 -16.63 -15.15 13.38
CA MET A 124 -17.88 -15.23 12.56
C MET A 124 -19.10 -14.86 13.37
N GLY A 125 -19.35 -15.56 14.48
CA GLY A 125 -20.47 -15.28 15.42
C GLY A 125 -20.52 -13.84 15.89
N PHE A 126 -19.34 -13.33 16.22
CA PHE A 126 -19.24 -12.00 16.79
C PHE A 126 -19.60 -10.91 15.76
N ASN A 127 -19.07 -11.05 14.54
CA ASN A 127 -19.40 -10.06 13.53
C ASN A 127 -20.87 -10.11 13.14
N ARG A 128 -21.42 -11.33 13.02
CA ARG A 128 -22.88 -11.51 12.91
C ARG A 128 -23.62 -10.73 14.01
N ASP A 129 -23.24 -10.93 15.27
CA ASP A 129 -23.94 -10.31 16.35
C ASP A 129 -23.80 -8.82 16.41
N VAL A 130 -22.56 -8.33 16.13
CA VAL A 130 -22.36 -6.86 16.15
C VAL A 130 -23.31 -6.18 15.14
N VAL A 131 -23.31 -6.69 13.90
CA VAL A 131 -24.20 -6.17 12.87
C VAL A 131 -25.68 -6.22 13.31
N ARG A 132 -26.08 -7.34 13.84
CA ARG A 132 -27.48 -7.46 14.29
C ARG A 132 -27.75 -6.48 15.42
N ARG A 133 -26.83 -6.44 16.39
CA ARG A 133 -27.05 -5.56 17.55
C ARG A 133 -26.98 -4.05 17.25
N ARG A 134 -26.23 -3.64 16.22
CA ARG A 134 -25.98 -2.21 16.00
C ARG A 134 -26.73 -1.69 14.79
N ARG A 135 -27.42 -2.59 14.07
CA ARG A 135 -28.06 -2.16 12.80
C ARG A 135 -29.03 -0.98 12.97
N ASP A 136 -29.87 -1.01 14.01
CA ASP A 136 -30.84 0.08 14.25
C ASP A 136 -30.20 1.37 14.64
N THR A 137 -29.22 1.31 15.53
CA THR A 137 -28.39 2.49 15.85
C THR A 137 -27.76 3.09 14.57
N LEU A 138 -27.13 2.25 13.75
CA LEU A 138 -26.51 2.78 12.50
C LEU A 138 -27.59 3.49 11.60
N LYS A 139 -28.73 2.81 11.46
CA LYS A 139 -29.85 3.34 10.64
C LYS A 139 -30.23 4.73 11.17
N LYS A 140 -30.34 4.85 12.50
CA LYS A 140 -30.78 6.12 13.12
C LYS A 140 -29.79 7.24 12.96
N LEU A 141 -28.49 6.92 12.84
CA LEU A 141 -27.48 7.91 12.65
C LEU A 141 -27.27 8.24 11.20
N GLY A 142 -28.05 7.63 10.29
CA GLY A 142 -27.88 7.90 8.91
C GLY A 142 -26.70 7.18 8.26
N VAL A 143 -26.25 6.08 8.85
CA VAL A 143 -25.15 5.28 8.20
C VAL A 143 -25.77 4.35 7.20
N ARG A 144 -25.14 4.27 6.04
CA ARG A 144 -25.41 3.27 5.10
C ARG A 144 -24.32 2.19 5.26
N ILE A 145 -24.72 0.97 5.60
CA ILE A 145 -23.71 -0.14 5.76
C ILE A 145 -23.93 -1.29 4.83
N ARG A 146 -22.86 -1.96 4.38
CA ARG A 146 -23.03 -3.14 3.60
C ARG A 146 -21.76 -3.96 3.67
N TRP A 147 -21.88 -5.22 3.28
CA TRP A 147 -20.78 -6.17 3.23
C TRP A 147 -19.89 -5.95 2.01
N VAL A 148 -18.60 -6.03 2.27
CA VAL A 148 -17.64 -6.18 1.20
C VAL A 148 -16.76 -7.35 1.54
N GLY A 149 -16.58 -8.25 0.58
CA GLY A 149 -15.73 -9.38 0.78
C GLY A 149 -16.01 -10.52 -0.13
N SER A 150 -15.43 -11.66 0.21
CA SER A 150 -15.45 -12.75 -0.71
C SER A 150 -16.33 -13.91 -0.12
N ARG A 151 -17.02 -14.67 -1.01
CA ARG A 151 -18.01 -15.64 -0.49
C ARG A 151 -17.45 -16.91 0.03
N PRO A 152 -16.48 -17.53 -0.64
CA PRO A 152 -16.10 -18.85 -0.16
C PRO A 152 -15.62 -18.93 1.29
N ARG A 153 -16.23 -19.88 2.01
CA ARG A 153 -15.97 -20.23 3.44
C ARG A 153 -16.73 -19.30 4.37
N LEU A 154 -17.10 -18.13 3.91
CA LEU A 154 -17.77 -17.17 4.82
C LEU A 154 -19.14 -17.69 5.22
N TRP A 155 -19.47 -17.61 6.51
CA TRP A 155 -20.77 -18.08 6.99
C TRP A 155 -21.90 -17.36 6.31
N ARG A 156 -22.86 -18.13 5.85
CA ARG A 156 -24.05 -17.57 5.14
C ARG A 156 -24.74 -16.63 6.07
N SER A 157 -24.76 -16.96 7.35
CA SER A 157 -25.43 -16.07 8.30
C SER A 157 -24.83 -14.67 8.42
N VAL A 158 -23.54 -14.56 8.17
CA VAL A 158 -22.94 -13.20 8.26
C VAL A 158 -23.29 -12.42 7.01
N ILE A 159 -23.23 -13.08 5.85
CA ILE A 159 -23.54 -12.42 4.57
C ILE A 159 -24.95 -11.92 4.74
N ASN A 160 -25.82 -12.83 5.27
CA ASN A 160 -27.30 -12.54 5.27
C ASN A 160 -27.60 -11.49 6.23
N GLU A 161 -26.90 -11.45 7.38
CA GLU A 161 -27.14 -10.39 8.34
C GLU A 161 -26.76 -8.98 7.83
N LEU A 162 -25.63 -8.90 7.12
CA LEU A 162 -25.22 -7.61 6.47
C LEU A 162 -26.18 -7.24 5.36
N ALA A 163 -26.71 -8.25 4.68
CA ALA A 163 -27.65 -7.97 3.57
C ALA A 163 -28.87 -7.32 4.11
N VAL A 164 -29.34 -7.82 5.27
CA VAL A 164 -30.42 -7.08 5.96
C VAL A 164 -30.08 -5.67 6.37
N ALA A 165 -28.88 -5.43 6.90
CA ALA A 165 -28.59 -4.12 7.39
C ALA A 165 -28.45 -3.27 6.14
N GLU A 166 -27.98 -3.85 5.03
CA GLU A 166 -27.77 -2.98 3.82
C GLU A 166 -29.16 -2.54 3.28
N GLU A 167 -30.07 -3.50 3.28
CA GLU A 167 -31.48 -3.18 2.84
C GLU A 167 -32.09 -2.14 3.75
N MET A 168 -31.96 -2.27 5.07
CA MET A 168 -32.51 -1.29 5.94
C MET A 168 -31.86 0.05 5.87
N THR A 169 -30.58 0.16 5.41
CA THR A 169 -29.90 1.46 5.45
C THR A 169 -29.60 2.03 4.06
N LYS A 170 -30.16 1.38 3.04
CA LYS A 170 -29.90 1.69 1.61
C LYS A 170 -30.13 3.15 1.24
N SER A 171 -31.11 3.79 1.87
CA SER A 171 -31.34 5.20 1.61
C SER A 171 -30.56 6.16 2.44
N ASN A 172 -29.79 5.70 3.43
CA ASN A 172 -29.09 6.69 4.27
C ASN A 172 -27.94 7.37 3.50
N ASP A 173 -27.59 8.60 3.88
CA ASP A 173 -26.44 9.18 3.17
C ASP A 173 -25.57 10.07 4.03
N VAL A 174 -25.61 9.90 5.35
CA VAL A 174 -24.70 10.69 6.21
C VAL A 174 -23.26 10.13 6.03
N ILE A 175 -23.12 8.79 6.07
CA ILE A 175 -21.80 8.15 5.87
C ILE A 175 -22.03 6.74 5.37
N THR A 176 -21.12 6.23 4.51
CA THR A 176 -21.23 4.85 4.12
C THR A 176 -20.08 4.07 4.78
N ILE A 177 -20.42 2.93 5.40
CA ILE A 177 -19.41 2.08 5.97
C ILE A 177 -19.33 0.82 5.13
N ASN A 178 -18.12 0.54 4.60
CA ASN A 178 -17.91 -0.75 3.98
C ASN A 178 -17.43 -1.68 5.08
N TYR A 179 -18.24 -2.68 5.43
CA TYR A 179 -17.88 -3.54 6.54
C TYR A 179 -17.26 -4.81 5.91
N CYS A 180 -15.91 -4.94 5.90
CA CYS A 180 -15.19 -5.85 5.02
C CYS A 180 -14.93 -7.13 5.81
N VAL A 181 -15.54 -8.20 5.36
CA VAL A 181 -15.58 -9.50 6.06
C VAL A 181 -15.20 -10.57 5.07
N ASN A 182 -14.15 -11.37 5.40
CA ASN A 182 -13.58 -12.32 4.46
C ASN A 182 -13.14 -11.54 3.23
N TYR A 183 -12.45 -10.42 3.50
CA TYR A 183 -12.05 -9.53 2.44
C TYR A 183 -10.53 -9.74 2.16
N GLY A 184 -10.13 -9.73 0.87
CA GLY A 184 -8.67 -9.71 0.54
C GLY A 184 -8.60 -8.96 -0.75
N GLY A 185 -7.64 -8.07 -0.86
CA GLY A 185 -7.61 -7.13 -1.98
C GLY A 185 -7.26 -7.87 -3.29
N ARG A 186 -6.25 -8.73 -3.30
CA ARG A 186 -5.98 -9.49 -4.48
C ARG A 186 -7.19 -10.35 -4.83
N THR A 187 -7.82 -10.93 -3.82
CA THR A 187 -9.00 -11.79 -4.10
C THR A 187 -10.09 -11.04 -4.78
N GLU A 188 -10.35 -9.85 -4.29
CA GLU A 188 -11.41 -9.04 -4.86
C GLU A 188 -11.11 -8.64 -6.36
N ILE A 189 -9.83 -8.39 -6.68
CA ILE A 189 -9.44 -8.05 -8.03
C ILE A 189 -9.55 -9.32 -8.85
N THR A 190 -9.15 -10.44 -8.28
CA THR A 190 -9.28 -11.72 -9.04
C THR A 190 -10.79 -12.02 -9.36
N GLU A 191 -11.69 -11.73 -8.42
CA GLU A 191 -13.12 -11.93 -8.70
C GLU A 191 -13.60 -10.95 -9.80
N ALA A 192 -13.09 -9.71 -9.82
CA ALA A 192 -13.45 -8.76 -10.89
C ALA A 192 -12.96 -9.32 -12.26
N THR A 193 -11.79 -9.90 -12.26
CA THR A 193 -11.22 -10.44 -13.47
C THR A 193 -12.05 -11.69 -13.89
N ARG A 194 -12.48 -12.51 -12.93
CA ARG A 194 -13.34 -13.68 -13.28
C ARG A 194 -14.66 -13.18 -13.92
N GLU A 195 -15.23 -12.12 -13.33
CA GLU A 195 -16.49 -11.55 -13.87
C GLU A 195 -16.31 -11.06 -15.29
N ILE A 196 -15.29 -10.24 -15.50
CA ILE A 196 -14.87 -9.81 -16.81
C ILE A 196 -14.75 -11.02 -17.73
N ALA A 197 -14.01 -12.06 -17.30
CA ALA A 197 -13.84 -13.28 -18.11
C ALA A 197 -15.19 -13.94 -18.48
N ARG A 198 -16.11 -14.00 -17.51
CA ARG A 198 -17.47 -14.58 -17.82
C ARG A 198 -18.16 -13.77 -18.91
N GLU A 199 -18.09 -12.45 -18.82
CA GLU A 199 -18.74 -11.54 -19.76
C GLU A 199 -18.10 -11.69 -21.16
N VAL A 200 -16.78 -11.88 -21.18
CA VAL A 200 -16.06 -12.16 -22.42
C VAL A 200 -16.44 -13.57 -22.99
N ALA A 201 -16.47 -14.61 -22.16
CA ALA A 201 -16.83 -15.97 -22.65
C ALA A 201 -18.22 -15.85 -23.25
N ALA A 202 -19.09 -15.02 -22.65
CA ALA A 202 -20.48 -14.89 -23.15
C ALA A 202 -20.65 -14.05 -24.42
N GLY A 203 -19.57 -13.50 -24.99
CA GLY A 203 -19.66 -12.45 -25.98
C GLY A 203 -20.32 -11.18 -25.57
N ARG A 204 -20.45 -10.85 -24.27
CA ARG A 204 -20.98 -9.52 -23.93
C ARG A 204 -19.91 -8.46 -23.83
N LEU A 205 -18.63 -8.86 -23.82
CA LEU A 205 -17.56 -7.90 -23.59
C LEU A 205 -16.40 -8.28 -24.46
N ASN A 206 -15.87 -7.27 -25.16
CA ASN A 206 -14.70 -7.38 -26.03
C ASN A 206 -13.38 -7.18 -25.25
N PRO A 207 -12.45 -8.17 -25.27
CA PRO A 207 -11.24 -8.04 -24.46
C PRO A 207 -10.50 -6.76 -24.76
N GLU A 208 -10.57 -6.30 -26.03
CA GLU A 208 -9.80 -5.10 -26.43
C GLU A 208 -10.37 -3.88 -25.81
N ARG A 209 -11.59 -3.94 -25.28
CA ARG A 209 -12.15 -2.78 -24.65
C ARG A 209 -11.87 -2.69 -23.15
N ILE A 210 -11.14 -3.66 -22.61
CA ILE A 210 -10.89 -3.71 -21.17
C ILE A 210 -9.93 -2.58 -20.76
N THR A 211 -10.37 -1.69 -19.88
CA THR A 211 -9.45 -0.62 -19.35
C THR A 211 -9.46 -0.64 -17.82
N GLU A 212 -8.75 0.29 -17.16
CA GLU A 212 -8.74 0.30 -15.67
C GLU A 212 -10.15 0.51 -15.17
N SER A 213 -10.97 1.28 -15.93
CA SER A 213 -12.38 1.47 -15.51
C SER A 213 -13.22 0.21 -15.54
N THR A 214 -12.91 -0.70 -16.46
CA THR A 214 -13.63 -1.97 -16.63
C THR A 214 -13.37 -2.73 -15.35
N ILE A 215 -12.13 -2.73 -14.87
CA ILE A 215 -11.89 -3.55 -13.65
C ILE A 215 -12.71 -2.86 -12.52
N ALA A 216 -12.58 -1.54 -12.42
CA ALA A 216 -13.28 -0.78 -11.36
C ALA A 216 -14.80 -1.09 -11.39
N ARG A 217 -15.37 -1.22 -12.59
CA ARG A 217 -16.79 -1.45 -12.71
C ARG A 217 -17.21 -2.85 -12.36
N HIS A 218 -16.27 -3.79 -12.35
CA HIS A 218 -16.61 -5.15 -12.10
C HIS A 218 -16.21 -5.60 -10.71
N LEU A 219 -15.64 -4.70 -9.90
CA LEU A 219 -15.35 -5.06 -8.46
C LEU A 219 -16.71 -5.29 -7.77
N GLN A 220 -16.73 -6.03 -6.64
CA GLN A 220 -18.00 -6.32 -5.95
C GLN A 220 -18.81 -5.10 -5.67
N ARG A 221 -18.18 -4.04 -5.17
CA ARG A 221 -18.93 -2.80 -4.85
C ARG A 221 -18.30 -1.68 -5.68
N PRO A 222 -18.79 -1.51 -6.92
CA PRO A 222 -18.03 -0.49 -7.78
C PRO A 222 -18.25 0.96 -7.40
N ASP A 223 -19.17 1.24 -6.49
CA ASP A 223 -19.38 2.62 -6.06
C ASP A 223 -18.35 3.11 -5.01
N ILE A 224 -17.44 2.24 -4.55
CA ILE A 224 -16.48 2.71 -3.50
C ILE A 224 -15.45 3.66 -4.13
N PRO A 225 -15.38 4.89 -3.61
CA PRO A 225 -14.38 5.83 -4.14
C PRO A 225 -12.98 5.44 -3.69
N ASP A 226 -12.00 6.04 -4.33
CA ASP A 226 -10.63 5.84 -3.85
C ASP A 226 -10.48 6.09 -2.35
N VAL A 227 -9.61 5.28 -1.70
CA VAL A 227 -9.27 5.62 -0.29
C VAL A 227 -8.31 6.84 -0.26
N ASP A 228 -8.65 7.88 0.51
CA ASP A 228 -7.79 9.06 0.73
C ASP A 228 -6.78 8.83 1.82
N LEU A 229 -7.23 8.23 2.92
CA LEU A 229 -6.44 8.13 4.14
C LEU A 229 -6.55 6.75 4.66
N PHE A 230 -5.42 6.08 4.72
CA PHE A 230 -5.36 4.68 5.16
C PHE A 230 -4.76 4.63 6.58
N LEU A 231 -5.52 4.10 7.58
CA LEU A 231 -5.02 4.10 8.98
C LEU A 231 -4.84 2.62 9.44
N ARG A 232 -3.81 2.40 10.25
CA ARG A 232 -3.62 1.11 10.86
C ARG A 232 -3.12 1.42 12.30
N THR A 233 -3.63 0.71 13.28
CA THR A 233 -3.23 0.86 14.69
C THR A 233 -2.12 -0.17 15.08
N SER A 234 -1.65 -0.05 16.32
CA SER A 234 -0.74 -1.00 16.94
C SER A 234 0.70 -0.87 16.38
N GLY A 235 0.96 0.18 15.59
CA GLY A 235 2.35 0.46 15.12
C GLY A 235 2.68 -0.37 13.88
N GLU A 236 1.72 -1.09 13.32
CA GLU A 236 2.10 -2.07 12.24
C GLU A 236 2.09 -1.19 10.97
N GLN A 237 3.07 -1.38 10.07
CA GLN A 237 3.15 -0.44 8.93
C GLN A 237 3.06 -1.31 7.66
N ARG A 238 1.88 -1.86 7.46
CA ARG A 238 1.55 -2.74 6.29
C ARG A 238 0.13 -2.41 5.89
N SER A 239 -0.22 -2.59 4.62
CA SER A 239 -1.63 -2.38 4.26
C SER A 239 -2.34 -3.75 4.36
N SER A 240 -1.57 -4.85 4.47
CA SER A 240 -2.11 -6.22 4.55
C SER A 240 -3.23 -6.47 3.52
N ASN A 241 -3.07 -6.00 2.27
CA ASN A 241 -3.99 -6.44 1.19
C ASN A 241 -5.38 -5.84 1.44
N PHE A 242 -5.50 -4.77 2.25
CA PHE A 242 -6.80 -4.17 2.47
C PHE A 242 -7.09 -3.02 1.46
N MET A 243 -8.25 -3.06 0.83
CA MET A 243 -8.67 -2.05 -0.14
C MET A 243 -7.55 -1.88 -1.20
N LEU A 244 -7.05 -2.99 -1.68
CA LEU A 244 -5.85 -2.98 -2.50
C LEU A 244 -6.03 -2.05 -3.75
N TRP A 245 -7.04 -2.35 -4.55
CA TRP A 245 -7.27 -1.46 -5.71
C TRP A 245 -7.55 0.00 -5.29
N GLN A 246 -8.44 0.16 -4.33
CA GLN A 246 -9.01 1.45 -4.00
C GLN A 246 -7.99 2.35 -3.28
N ALA A 247 -6.98 1.77 -2.62
CA ALA A 247 -6.05 2.62 -1.83
C ALA A 247 -4.70 2.84 -2.56
N ALA A 248 -4.65 2.52 -3.88
CA ALA A 248 -3.41 2.65 -4.66
C ALA A 248 -2.81 4.06 -4.51
N TYR A 249 -3.64 5.09 -4.31
CA TYR A 249 -3.13 6.47 -4.14
C TYR A 249 -3.32 7.06 -2.75
N ALA A 250 -3.72 6.24 -1.78
CA ALA A 250 -3.97 6.71 -0.43
C ALA A 250 -2.70 7.23 0.24
N GLU A 251 -2.95 8.12 1.20
CA GLU A 251 -1.91 8.48 2.20
C GLU A 251 -2.02 7.51 3.35
N TYR A 252 -0.86 7.04 3.91
CA TYR A 252 -0.91 6.12 5.02
C TYR A 252 -0.49 6.89 6.32
N ILE A 253 -1.28 6.71 7.39
CA ILE A 253 -0.88 7.22 8.73
C ILE A 253 -0.93 6.07 9.67
N PHE A 254 0.24 5.60 10.10
CA PHE A 254 0.32 4.45 10.97
C PHE A 254 0.40 4.92 12.42
N GLN A 255 -0.54 4.50 13.24
CA GLN A 255 -0.60 5.04 14.61
C GLN A 255 -0.23 3.95 15.61
N ASP A 256 0.34 4.31 16.76
CA ASP A 256 0.85 3.28 17.63
C ASP A 256 -0.13 2.64 18.59
N LYS A 257 -1.21 3.34 18.93
CA LYS A 257 -2.20 2.79 19.93
C LYS A 257 -2.81 1.50 19.50
N LEU A 258 -3.16 0.65 20.49
CA LEU A 258 -3.83 -0.60 20.21
C LEU A 258 -5.31 -0.34 20.01
N TRP A 259 -5.93 -1.13 19.12
CA TRP A 259 -7.31 -0.76 18.71
C TRP A 259 -8.26 -0.61 19.91
N PRO A 260 -8.24 -1.53 20.93
CA PRO A 260 -9.19 -1.33 22.03
C PRO A 260 -8.98 -0.07 22.87
N ASP A 261 -7.81 0.58 22.74
CA ASP A 261 -7.57 1.85 23.43
C ASP A 261 -7.87 3.05 22.54
N TYR A 262 -8.26 2.82 21.29
CA TYR A 262 -8.39 3.93 20.33
C TYR A 262 -9.73 4.62 20.54
N ASP A 263 -9.81 5.91 20.23
CA ASP A 263 -11.14 6.56 20.27
C ASP A 263 -11.22 7.64 19.21
N ARG A 264 -12.39 8.29 19.09
CA ARG A 264 -12.58 9.22 17.95
C ARG A 264 -11.56 10.34 17.93
N ARG A 265 -10.94 10.67 19.09
CA ARG A 265 -9.97 11.80 19.10
C ARG A 265 -8.70 11.37 18.34
N ASP A 266 -8.37 10.07 18.40
CA ASP A 266 -7.22 9.58 17.61
C ASP A 266 -7.53 9.64 16.13
N LEU A 267 -8.78 9.29 15.73
CA LEU A 267 -9.17 9.41 14.31
C LEU A 267 -9.02 10.89 13.89
N TRP A 268 -9.53 11.78 14.73
CA TRP A 268 -9.41 13.21 14.36
C TRP A 268 -7.98 13.64 14.26
N ALA A 269 -7.11 13.16 15.15
CA ALA A 269 -5.70 13.62 15.08
C ALA A 269 -5.08 13.12 13.76
N ALA A 270 -5.43 11.89 13.32
CA ALA A 270 -4.86 11.43 12.03
C ALA A 270 -5.43 12.29 10.90
N CYS A 271 -6.72 12.60 10.96
CA CYS A 271 -7.28 13.50 9.92
C CYS A 271 -6.65 14.94 9.91
N GLU A 272 -6.29 15.49 11.08
CA GLU A 272 -5.61 16.80 11.13
C GLU A 272 -4.25 16.64 10.46
N GLU A 273 -3.58 15.51 10.69
CA GLU A 273 -2.30 15.35 10.01
C GLU A 273 -2.44 15.27 8.49
N TYR A 274 -3.46 14.54 8.05
CA TYR A 274 -3.70 14.32 6.65
C TYR A 274 -3.94 15.76 6.05
N ALA A 275 -4.75 16.56 6.74
CA ALA A 275 -5.08 17.92 6.22
C ALA A 275 -3.84 18.84 6.11
N SER A 276 -2.90 18.67 7.02
CA SER A 276 -1.60 19.37 7.04
C SER A 276 -0.76 19.06 5.83
N ARG A 277 -0.89 17.84 5.28
CA ARG A 277 -0.08 17.35 4.16
C ARG A 277 -0.65 17.77 2.82
N THR A 278 -1.92 18.19 2.81
CA THR A 278 -2.51 18.94 1.66
C THR A 278 -1.78 20.28 1.33
N ARG A 279 -1.03 20.80 2.30
CA ARG A 279 -0.14 21.97 2.16
C ARG A 279 1.29 21.53 1.83
N ARG A 280 1.84 20.61 2.63
CA ARG A 280 3.16 19.98 2.38
C ARG A 280 3.03 18.69 1.56
N PHE B 1 24.79 -15.39 6.77
CA PHE B 1 25.11 -13.96 6.66
C PHE B 1 25.64 -13.71 5.24
N PRO B 2 24.74 -13.32 4.34
CA PRO B 2 25.10 -13.26 2.93
C PRO B 2 25.69 -11.87 2.55
N GLN B 3 26.14 -11.09 3.50
CA GLN B 3 26.80 -9.81 3.18
C GLN B 3 28.19 -10.07 2.60
N LEU B 4 28.65 -9.18 1.71
CA LEU B 4 30.09 -9.14 1.37
C LEU B 4 30.85 -8.57 2.58
N PRO B 5 32.02 -9.14 2.86
CA PRO B 5 32.86 -8.61 3.96
C PRO B 5 33.30 -7.19 3.67
N PRO B 6 33.75 -6.44 4.70
CA PRO B 6 34.27 -5.09 4.46
C PRO B 6 35.36 -5.15 3.36
N ALA B 7 35.40 -4.14 2.51
CA ALA B 7 36.30 -4.26 1.40
C ALA B 7 37.68 -3.87 1.95
N PRO B 8 38.74 -4.28 1.26
CA PRO B 8 40.11 -3.71 1.54
C PRO B 8 40.07 -2.18 1.64
N ASP B 9 40.94 -1.56 2.44
CA ASP B 9 40.83 -0.14 2.64
C ASP B 9 41.12 0.66 1.35
N ASP B 10 41.95 0.11 0.47
CA ASP B 10 42.26 0.88 -0.73
C ASP B 10 41.31 0.47 -1.87
N TYR B 11 40.29 -0.36 -1.57
CA TYR B 11 39.32 -0.80 -2.63
C TYR B 11 38.62 0.43 -3.18
N PRO B 12 38.38 0.53 -4.52
CA PRO B 12 37.77 1.77 -5.06
C PRO B 12 36.41 2.18 -4.38
N THR B 13 36.19 3.49 -4.16
CA THR B 13 34.95 4.01 -3.55
C THR B 13 34.02 4.58 -4.64
N PHE B 14 32.78 4.90 -4.27
CA PHE B 14 31.78 5.49 -5.16
C PHE B 14 30.69 6.01 -4.22
N PRO B 15 30.06 7.13 -4.53
CA PRO B 15 30.25 7.96 -5.76
C PRO B 15 31.05 9.20 -5.41
N ASP B 16 31.78 9.73 -6.39
CA ASP B 16 32.39 11.05 -6.25
C ASP B 16 31.49 11.99 -7.03
N THR B 17 30.69 12.77 -6.34
CA THR B 17 29.68 13.57 -7.00
C THR B 17 30.23 14.96 -7.38
N SER B 18 31.54 15.15 -7.32
CA SER B 18 32.11 16.44 -7.80
C SER B 18 32.11 16.56 -9.37
N THR B 19 31.88 15.49 -10.14
CA THR B 19 31.75 15.67 -11.58
C THR B 19 30.41 15.09 -12.01
N TRP B 20 29.96 15.53 -13.19
CA TRP B 20 28.77 14.93 -13.78
C TRP B 20 29.00 14.67 -15.26
N PRO B 21 28.69 13.44 -15.79
CA PRO B 21 28.17 12.24 -15.12
C PRO B 21 29.20 11.75 -14.16
N VAL B 22 28.74 11.06 -13.13
CA VAL B 22 29.66 10.59 -12.15
C VAL B 22 30.46 9.48 -12.70
N VAL B 23 31.74 9.44 -12.33
CA VAL B 23 32.62 8.38 -12.84
C VAL B 23 32.40 7.11 -12.04
N PHE B 24 32.25 5.98 -12.70
CA PHE B 24 32.24 4.74 -11.94
C PHE B 24 33.65 4.14 -12.03
N PRO B 25 34.30 3.81 -10.89
CA PRO B 25 35.74 3.37 -10.99
C PRO B 25 35.98 2.04 -11.70
N GLU B 26 37.20 1.89 -12.25
CA GLU B 26 37.65 0.58 -12.71
C GLU B 26 37.79 -0.28 -11.46
N LEU B 27 37.50 -1.56 -11.61
CA LEU B 27 37.53 -2.49 -10.50
C LEU B 27 38.44 -3.65 -10.89
N PRO B 28 39.19 -4.20 -9.92
CA PRO B 28 39.93 -5.45 -10.18
C PRO B 28 39.05 -6.54 -10.77
N ALA B 29 39.59 -7.34 -11.67
CA ALA B 29 38.85 -8.53 -12.21
C ALA B 29 38.58 -9.62 -11.16
N ALA B 30 37.66 -10.56 -11.40
CA ALA B 30 37.23 -11.54 -10.36
C ALA B 30 37.94 -12.92 -9.99
N PRO B 31 37.83 -14.08 -10.76
CA PRO B 31 37.42 -14.66 -12.07
C PRO B 31 36.48 -13.91 -12.97
N GLY B 34 33.72 -13.80 -13.53
CA GLY B 34 32.76 -13.59 -12.42
C GLY B 34 32.46 -12.11 -12.20
N PRO B 35 31.30 -11.80 -11.60
CA PRO B 35 31.07 -10.36 -11.38
C PRO B 35 32.09 -9.73 -10.47
N CYS B 36 32.39 -8.46 -10.72
CA CYS B 36 33.31 -7.69 -9.87
C CYS B 36 32.67 -7.31 -8.57
N ARG B 37 33.51 -7.24 -7.56
CA ARG B 37 33.01 -6.74 -6.28
C ARG B 37 32.66 -5.25 -6.39
N PRO B 38 31.44 -4.80 -5.95
CA PRO B 38 31.17 -3.37 -6.17
C PRO B 38 32.11 -2.47 -5.35
N PRO B 39 32.38 -1.25 -5.83
CA PRO B 39 33.12 -0.28 -5.07
C PRO B 39 32.36 -0.05 -3.77
N GLN B 40 33.11 0.18 -2.71
CA GLN B 40 32.53 0.45 -1.43
C GLN B 40 32.08 1.89 -1.37
N HIS B 41 31.27 2.26 -0.37
CA HIS B 41 30.85 3.64 -0.31
C HIS B 41 32.06 4.56 -0.05
N THR B 42 31.89 5.84 -0.38
CA THR B 42 32.91 6.84 -0.03
C THR B 42 33.25 6.84 1.45
N SER B 43 32.24 6.64 2.30
CA SER B 43 32.51 6.57 3.74
C SER B 43 33.22 5.32 4.13
N LYS B 44 33.39 4.35 3.24
CA LYS B 44 33.92 3.04 3.51
C LYS B 44 33.13 2.27 4.62
N ALA B 45 31.91 2.68 4.93
CA ALA B 45 31.01 1.83 5.81
C ALA B 45 30.83 0.43 5.17
N ALA B 46 30.70 -0.65 5.97
CA ALA B 46 30.44 -1.99 5.47
C ALA B 46 28.99 -2.37 5.82
N ALA B 47 28.44 -3.27 5.05
CA ALA B 47 27.02 -3.62 5.19
C ALA B 47 26.85 -4.29 6.59
N PRO B 48 25.75 -4.00 7.27
CA PRO B 48 25.50 -4.64 8.58
C PRO B 48 25.25 -6.13 8.37
N ARG B 49 25.53 -6.90 9.43
CA ARG B 49 25.40 -8.33 9.37
C ARG B 49 23.97 -8.65 9.67
N ILE B 50 23.12 -8.84 8.69
CA ILE B 50 21.72 -9.20 8.94
C ILE B 50 21.55 -10.65 8.42
N PRO B 51 20.99 -11.57 9.26
CA PRO B 51 20.90 -12.95 8.80
C PRO B 51 19.91 -13.06 7.66
N ALA B 52 20.14 -14.01 6.78
CA ALA B 52 19.34 -14.19 5.57
C ALA B 52 17.85 -14.36 5.82
N ASP B 53 17.44 -14.95 6.95
CA ASP B 53 16.06 -15.17 7.20
C ASP B 53 15.40 -13.85 7.60
N ARG B 54 16.15 -12.82 7.99
CA ARG B 54 15.53 -11.53 8.44
C ARG B 54 15.70 -10.42 7.31
N LEU B 55 16.41 -10.76 6.27
CA LEU B 55 16.62 -9.74 5.18
C LEU B 55 15.39 -9.73 4.30
N PRO B 56 15.09 -8.56 3.69
CA PRO B 56 14.07 -8.60 2.65
C PRO B 56 14.66 -9.27 1.40
N ASN B 57 13.86 -10.13 0.77
CA ASN B 57 14.24 -10.78 -0.48
C ASN B 57 14.09 -9.72 -1.64
N HIS B 58 13.11 -8.86 -1.45
CA HIS B 58 12.72 -7.88 -2.53
C HIS B 58 12.37 -6.56 -1.88
N VAL B 59 13.16 -5.55 -2.25
CA VAL B 59 12.93 -4.19 -1.75
C VAL B 59 12.41 -3.36 -2.95
N ALA B 60 11.38 -2.51 -2.71
CA ALA B 60 10.90 -1.62 -3.74
C ALA B 60 11.20 -0.21 -3.25
N ILE B 61 11.68 0.69 -4.14
CA ILE B 61 12.02 2.07 -3.67
C ILE B 61 11.42 3.08 -4.63
N VAL B 62 10.76 4.09 -4.12
CA VAL B 62 10.27 5.19 -4.99
C VAL B 62 11.29 6.32 -4.76
N MET B 63 11.82 6.90 -5.83
CA MET B 63 12.95 7.78 -5.62
C MET B 63 12.34 9.23 -5.58
N ASP B 64 12.20 9.79 -4.39
CA ASP B 64 11.40 11.01 -4.24
C ASP B 64 12.25 12.19 -3.90
N GLY B 65 11.80 13.36 -4.34
CA GLY B 65 12.37 14.60 -3.80
C GLY B 65 13.48 15.20 -4.69
N ASN B 66 13.60 14.70 -5.92
CA ASN B 66 14.68 15.23 -6.81
C ASN B 66 14.48 16.75 -7.09
N GLY B 67 13.24 17.13 -7.39
CA GLY B 67 12.94 18.54 -7.70
C GLY B 67 12.96 19.40 -6.47
N ARG B 68 12.40 18.89 -5.36
CA ARG B 68 12.50 19.62 -4.08
C ARG B 68 13.95 19.86 -3.70
N TRP B 69 14.83 18.88 -3.94
CA TRP B 69 16.24 19.01 -3.55
C TRP B 69 16.89 20.17 -4.35
N ALA B 70 16.67 20.19 -5.68
CA ALA B 70 17.28 21.20 -6.53
C ALA B 70 16.69 22.59 -6.15
N THR B 71 15.36 22.69 -6.05
CA THR B 71 14.67 23.90 -5.54
C THR B 71 15.20 24.49 -4.23
N GLN B 72 15.45 23.66 -3.24
CA GLN B 72 16.05 24.16 -2.03
C GLN B 72 17.38 24.82 -2.25
N ARG B 73 18.09 24.46 -3.31
CA ARG B 73 19.42 24.98 -3.54
C ARG B 73 19.38 26.08 -4.61
N GLY B 74 18.19 26.52 -4.97
CA GLY B 74 17.96 27.32 -6.17
C GLY B 74 18.61 26.79 -7.43
N LEU B 75 18.41 25.52 -7.79
CA LEU B 75 19.02 24.96 -9.02
C LEU B 75 17.82 24.61 -9.81
N ALA B 76 17.96 24.44 -11.12
CA ALA B 76 16.88 23.94 -11.94
C ALA B 76 16.55 22.50 -11.47
N ARG B 77 15.30 22.09 -11.57
CA ARG B 77 14.90 20.71 -11.15
C ARG B 77 15.60 19.61 -11.87
N THR B 78 15.99 19.85 -13.12
CA THR B 78 16.84 18.87 -13.81
C THR B 78 18.09 18.51 -13.03
N GLU B 79 18.65 19.41 -12.20
CA GLU B 79 19.86 19.08 -11.48
C GLU B 79 19.66 18.02 -10.39
N GLY B 80 18.49 18.02 -9.74
CA GLY B 80 18.15 16.97 -8.75
C GLY B 80 18.08 15.60 -9.39
N HIS B 81 17.37 15.50 -10.55
CA HIS B 81 17.41 14.26 -11.34
C HIS B 81 18.78 13.80 -11.68
N LYS B 82 19.66 14.73 -12.11
CA LYS B 82 20.99 14.29 -12.51
C LYS B 82 21.77 13.68 -11.34
N MET B 83 21.58 14.26 -10.14
CA MET B 83 22.24 13.79 -8.96
C MET B 83 21.67 12.42 -8.54
N GLY B 84 20.41 12.15 -8.86
CA GLY B 84 19.80 10.86 -8.47
C GLY B 84 20.35 9.70 -9.24
N GLU B 85 20.95 9.92 -10.44
CA GLU B 85 21.63 8.85 -11.13
C GLU B 85 22.69 8.15 -10.31
N ALA B 86 23.59 8.92 -9.72
CA ALA B 86 24.69 8.25 -8.95
C ALA B 86 24.06 7.52 -7.77
N VAL B 87 22.98 8.09 -7.24
CA VAL B 87 22.26 7.48 -6.06
C VAL B 87 21.74 6.08 -6.48
N VAL B 88 21.12 5.95 -7.65
CA VAL B 88 20.63 4.65 -8.13
C VAL B 88 21.77 3.65 -8.11
N ILE B 89 22.93 4.08 -8.65
CA ILE B 89 24.06 3.14 -8.75
C ILE B 89 24.68 2.76 -7.37
N ASP B 90 24.76 3.76 -6.52
CA ASP B 90 25.23 3.56 -5.14
C ASP B 90 24.30 2.59 -4.37
N ILE B 91 23.01 2.74 -4.57
CA ILE B 91 22.01 1.82 -3.96
C ILE B 91 22.20 0.44 -4.52
N ALA B 92 22.45 0.31 -5.82
CA ALA B 92 22.62 -1.02 -6.37
C ALA B 92 23.86 -1.63 -5.74
N CYS B 93 24.95 -0.85 -5.57
CA CYS B 93 26.17 -1.42 -5.02
C CYS B 93 25.85 -1.86 -3.53
N GLY B 94 25.11 -1.02 -2.81
CA GLY B 94 24.88 -1.33 -1.34
C GLY B 94 23.93 -2.51 -1.23
N ALA B 95 23.00 -2.66 -2.19
CA ALA B 95 22.09 -3.82 -2.16
C ALA B 95 22.86 -5.09 -2.36
N ILE B 96 23.86 -5.02 -3.24
CA ILE B 96 24.69 -6.23 -3.47
C ILE B 96 25.54 -6.52 -2.22
N GLU B 97 26.11 -5.47 -1.65
CA GLU B 97 26.93 -5.69 -0.43
C GLU B 97 26.10 -6.29 0.69
N LEU B 98 24.83 -5.91 0.74
CA LEU B 98 23.93 -6.41 1.85
C LEU B 98 23.36 -7.80 1.55
N GLY B 99 23.31 -8.22 0.26
CA GLY B 99 22.79 -9.52 -0.09
C GLY B 99 21.36 -9.47 -0.58
N ILE B 100 20.82 -8.29 -0.87
CA ILE B 100 19.41 -8.19 -1.41
C ILE B 100 19.33 -8.84 -2.80
N LYS B 101 18.32 -9.68 -3.06
CA LYS B 101 18.28 -10.38 -4.33
C LYS B 101 17.41 -9.66 -5.42
N TRP B 102 16.44 -8.86 -4.98
CA TRP B 102 15.54 -8.16 -5.90
C TRP B 102 15.37 -6.73 -5.45
N LEU B 103 15.45 -5.82 -6.43
CA LEU B 103 15.28 -4.46 -6.16
C LEU B 103 14.40 -3.81 -7.25
N SER B 104 13.31 -3.16 -6.88
CA SER B 104 12.43 -2.55 -7.92
C SER B 104 12.53 -1.00 -7.67
N LEU B 105 12.77 -0.23 -8.74
CA LEU B 105 12.93 1.23 -8.60
C LEU B 105 11.90 1.93 -9.47
N TYR B 106 11.21 2.89 -8.86
CA TYR B 106 10.09 3.53 -9.55
C TYR B 106 10.65 4.81 -10.25
N ALA B 107 11.07 4.65 -11.51
CA ALA B 107 11.77 5.76 -12.25
C ALA B 107 10.72 6.75 -12.86
N PHE B 108 9.55 6.26 -13.30
CA PHE B 108 8.57 7.11 -14.00
C PHE B 108 7.21 6.41 -13.94
N SER B 109 6.30 7.12 -13.33
CA SER B 109 4.93 6.65 -13.04
C SER B 109 3.96 7.02 -14.21
N THR B 110 2.93 6.26 -14.41
CA THR B 110 1.85 6.63 -15.36
C THR B 110 1.25 8.00 -14.97
N GLU B 111 1.39 8.42 -13.72
CA GLU B 111 0.90 9.74 -13.28
C GLU B 111 1.79 10.87 -13.81
N ASN B 112 3.04 10.56 -14.13
CA ASN B 112 3.96 11.60 -14.55
C ASN B 112 3.63 12.26 -15.88
N TRP B 113 2.78 11.63 -16.69
CA TRP B 113 2.34 12.29 -17.98
C TRP B 113 1.53 13.56 -17.67
N LYS B 114 1.12 13.73 -16.41
CA LYS B 114 0.49 15.02 -16.05
C LYS B 114 1.44 16.18 -15.89
N ARG B 115 2.74 15.94 -15.90
CA ARG B 115 3.67 17.07 -15.82
C ARG B 115 3.71 17.81 -17.17
N SER B 116 4.46 18.92 -17.23
CA SER B 116 4.51 19.71 -18.51
C SER B 116 5.28 18.91 -19.61
N PRO B 117 5.06 19.26 -20.89
CA PRO B 117 5.76 18.53 -21.94
C PRO B 117 7.25 18.65 -21.79
N GLU B 118 7.73 19.80 -21.36
CA GLU B 118 9.17 19.93 -21.24
C GLU B 118 9.69 18.96 -20.10
N GLU B 119 8.96 18.84 -19.00
CA GLU B 119 9.44 17.96 -17.91
C GLU B 119 9.43 16.51 -18.37
N VAL B 120 8.37 16.15 -19.09
CA VAL B 120 8.24 14.78 -19.62
C VAL B 120 9.28 14.47 -20.61
N ARG B 121 9.56 15.38 -21.55
CA ARG B 121 10.67 15.11 -22.49
C ARG B 121 11.95 14.93 -21.77
N PHE B 122 12.21 15.80 -20.81
CA PHE B 122 13.47 15.68 -20.07
C PHE B 122 13.59 14.29 -19.38
N LEU B 123 12.51 13.90 -18.70
CA LEU B 123 12.58 12.65 -17.88
C LEU B 123 12.66 11.46 -18.77
N MET B 124 11.91 11.44 -19.91
CA MET B 124 12.02 10.25 -20.80
C MET B 124 13.44 10.17 -21.32
N GLY B 125 13.95 11.30 -21.80
CA GLY B 125 15.29 11.30 -22.37
C GLY B 125 16.34 10.97 -21.29
N PHE B 126 16.09 11.44 -20.07
CA PHE B 126 17.13 11.21 -19.07
C PHE B 126 17.18 9.73 -18.63
N ASN B 127 16.02 9.12 -18.54
CA ASN B 127 16.00 7.67 -18.24
C ASN B 127 16.68 6.88 -19.37
N ARG B 128 16.40 7.20 -20.65
CA ARG B 128 17.11 6.56 -21.78
C ARG B 128 18.64 6.69 -21.53
N ASP B 129 19.04 7.90 -21.19
CA ASP B 129 20.50 8.18 -21.08
C ASP B 129 21.13 7.46 -19.87
N VAL B 130 20.38 7.39 -18.76
CA VAL B 130 20.93 6.67 -17.56
C VAL B 130 21.18 5.22 -17.96
N VAL B 131 20.17 4.57 -18.56
CA VAL B 131 20.35 3.15 -18.91
C VAL B 131 21.56 3.01 -19.84
N ARG B 132 21.65 3.82 -20.89
CA ARG B 132 22.82 3.73 -21.78
C ARG B 132 24.15 3.93 -21.00
N ARG B 133 24.18 4.94 -20.14
CA ARG B 133 25.44 5.18 -19.42
C ARG B 133 25.84 4.08 -18.49
N ARG B 134 24.86 3.41 -17.89
CA ARG B 134 25.16 2.54 -16.74
C ARG B 134 25.02 1.07 -17.05
N ARG B 135 24.49 0.73 -18.25
CA ARG B 135 24.27 -0.71 -18.55
C ARG B 135 25.53 -1.62 -18.45
N ASP B 136 26.70 -1.16 -18.93
CA ASP B 136 27.89 -1.98 -18.82
C ASP B 136 28.36 -2.13 -17.38
N THR B 137 28.31 -1.05 -16.61
CA THR B 137 28.67 -1.12 -15.22
C THR B 137 27.74 -2.16 -14.45
N LEU B 138 26.43 -2.10 -14.68
CA LEU B 138 25.50 -3.03 -14.03
C LEU B 138 25.81 -4.44 -14.46
N LYS B 139 26.07 -4.63 -15.77
CA LYS B 139 26.43 -5.95 -16.23
C LYS B 139 27.66 -6.51 -15.48
N LYS B 140 28.69 -5.68 -15.34
CA LYS B 140 30.01 -6.05 -14.75
C LYS B 140 29.77 -6.48 -13.26
N LEU B 141 28.78 -5.85 -12.60
CA LEU B 141 28.46 -6.11 -11.17
C LEU B 141 27.55 -7.34 -10.97
N GLY B 142 27.15 -8.00 -12.07
CA GLY B 142 26.33 -9.22 -12.03
C GLY B 142 24.85 -8.84 -11.82
N VAL B 143 24.46 -7.60 -12.16
CA VAL B 143 23.04 -7.14 -12.01
C VAL B 143 22.31 -7.66 -13.24
N ARG B 144 21.11 -8.20 -13.04
CA ARG B 144 20.22 -8.53 -14.16
C ARG B 144 19.18 -7.41 -14.17
N ILE B 145 19.15 -6.62 -15.26
CA ILE B 145 18.29 -5.48 -15.27
C ILE B 145 17.23 -5.64 -16.31
N ARG B 146 16.01 -5.18 -16.01
CA ARG B 146 15.04 -5.16 -17.14
C ARG B 146 13.96 -4.16 -16.87
N TRP B 147 13.29 -3.77 -17.95
CA TRP B 147 12.20 -2.81 -17.82
C TRP B 147 10.93 -3.45 -17.29
N VAL B 148 10.20 -2.71 -16.46
CA VAL B 148 8.83 -3.12 -16.09
C VAL B 148 8.00 -1.87 -16.27
N GLY B 149 6.88 -2.02 -16.96
CA GLY B 149 5.97 -0.85 -17.13
C GLY B 149 5.03 -1.11 -18.32
N SER B 150 4.35 -0.04 -18.71
CA SER B 150 3.32 -0.11 -19.71
C SER B 150 3.80 0.48 -21.07
N ARG B 151 3.46 -0.20 -22.18
CA ARG B 151 4.03 0.21 -23.48
C ARG B 151 3.41 1.54 -24.05
N PRO B 152 2.07 1.72 -24.01
CA PRO B 152 1.49 2.96 -24.57
C PRO B 152 2.14 4.22 -23.99
N ARG B 153 2.53 5.13 -24.89
CA ARG B 153 3.03 6.49 -24.49
C ARG B 153 4.51 6.43 -24.26
N LEU B 154 5.02 5.28 -23.83
CA LEU B 154 6.43 5.23 -23.37
C LEU B 154 7.33 5.37 -24.62
N TRP B 155 8.36 6.23 -24.56
CA TRP B 155 9.23 6.39 -25.76
C TRP B 155 9.90 5.15 -26.17
N ARG B 156 9.91 4.94 -27.49
CA ARG B 156 10.53 3.74 -27.98
C ARG B 156 12.03 3.73 -27.67
N SER B 157 12.66 4.91 -27.58
CA SER B 157 14.11 4.89 -27.26
C SER B 157 14.39 4.29 -25.84
N VAL B 158 13.49 4.58 -24.90
CA VAL B 158 13.62 4.02 -23.53
C VAL B 158 13.49 2.54 -23.56
N ILE B 159 12.47 2.05 -24.27
CA ILE B 159 12.24 0.61 -24.32
C ILE B 159 13.43 -0.07 -24.97
N ASN B 160 13.97 0.55 -26.03
CA ASN B 160 15.03 -0.06 -26.75
C ASN B 160 16.29 -0.15 -25.88
N GLU B 161 16.60 0.92 -25.14
CA GLU B 161 17.84 0.90 -24.34
C GLU B 161 17.68 -0.22 -23.25
N LEU B 162 16.48 -0.29 -22.63
CA LEU B 162 16.27 -1.32 -21.58
C LEU B 162 16.27 -2.72 -22.20
N ALA B 163 15.72 -2.87 -23.41
CA ALA B 163 15.67 -4.21 -24.07
C ALA B 163 17.13 -4.75 -24.33
N VAL B 164 18.03 -3.87 -24.72
CA VAL B 164 19.44 -4.28 -24.86
C VAL B 164 20.09 -4.51 -23.48
N ALA B 165 19.78 -3.65 -22.52
CA ALA B 165 20.33 -3.95 -21.21
C ALA B 165 19.87 -5.31 -20.67
N GLU B 166 18.59 -5.60 -20.93
CA GLU B 166 18.00 -6.88 -20.48
C GLU B 166 18.70 -8.05 -21.20
N GLU B 167 18.87 -7.93 -22.50
CA GLU B 167 19.57 -8.99 -23.24
C GLU B 167 21.04 -9.14 -22.78
N MET B 168 21.73 -8.02 -22.53
CA MET B 168 23.14 -8.09 -22.06
C MET B 168 23.30 -8.73 -20.66
N THR B 169 22.25 -8.70 -19.83
CA THR B 169 22.42 -9.07 -18.43
C THR B 169 21.51 -10.27 -18.06
N LYS B 170 20.93 -10.95 -19.06
CA LYS B 170 19.90 -11.97 -18.83
C LYS B 170 20.43 -13.18 -18.07
N SER B 171 21.73 -13.40 -18.09
CA SER B 171 22.38 -14.54 -17.43
C SER B 171 22.98 -14.12 -16.12
N ASN B 172 22.92 -12.82 -15.77
CA ASN B 172 23.38 -12.38 -14.45
C ASN B 172 22.47 -12.87 -13.30
N ASP B 173 23.04 -13.08 -12.10
CA ASP B 173 22.19 -13.56 -10.97
C ASP B 173 22.61 -13.04 -9.58
N VAL B 174 23.47 -12.00 -9.48
CA VAL B 174 23.81 -11.42 -8.19
C VAL B 174 22.57 -10.73 -7.59
N ILE B 175 21.92 -9.93 -8.43
CA ILE B 175 20.70 -9.16 -7.99
C ILE B 175 19.88 -8.89 -9.27
N THR B 176 18.54 -8.85 -9.15
CA THR B 176 17.72 -8.41 -10.26
C THR B 176 17.21 -7.04 -9.90
N ILE B 177 17.24 -6.14 -10.88
CA ILE B 177 16.72 -4.79 -10.72
C ILE B 177 15.60 -4.65 -11.76
N ASN B 178 14.40 -4.37 -11.24
CA ASN B 178 13.24 -4.04 -12.11
C ASN B 178 13.25 -2.52 -12.21
N TYR B 179 13.51 -2.06 -13.43
CA TYR B 179 13.69 -0.62 -13.61
C TYR B 179 12.32 -0.17 -14.18
N CYS B 180 11.52 0.50 -13.37
CA CYS B 180 10.11 0.58 -13.68
C CYS B 180 9.86 1.98 -14.28
N VAL B 181 9.40 1.95 -15.53
CA VAL B 181 9.29 3.22 -16.30
C VAL B 181 7.96 3.16 -17.02
N ASN B 182 7.16 4.19 -16.88
CA ASN B 182 5.74 4.23 -17.28
C ASN B 182 4.97 3.09 -16.59
N TYR B 183 5.25 2.92 -15.30
CA TYR B 183 4.69 1.82 -14.50
C TYR B 183 3.54 2.36 -13.67
N GLY B 184 2.44 1.57 -13.64
CA GLY B 184 1.30 1.95 -12.73
C GLY B 184 0.70 0.59 -12.29
N GLY B 185 0.46 0.40 -10.96
CA GLY B 185 0.10 -0.96 -10.51
C GLY B 185 -1.28 -1.36 -11.06
N ARG B 186 -2.24 -0.45 -10.97
CA ARG B 186 -3.59 -0.75 -11.58
C ARG B 186 -3.51 -1.04 -13.04
N THR B 187 -2.67 -0.31 -13.77
CA THR B 187 -2.51 -0.57 -15.20
C THR B 187 -1.94 -1.97 -15.50
N GLU B 188 -0.88 -2.39 -14.74
CA GLU B 188 -0.20 -3.66 -14.91
C GLU B 188 -1.27 -4.80 -14.62
N ILE B 189 -2.06 -4.61 -13.58
CA ILE B 189 -3.16 -5.60 -13.31
C ILE B 189 -4.20 -5.62 -14.47
N THR B 190 -4.59 -4.46 -14.95
CA THR B 190 -5.53 -4.39 -16.09
C THR B 190 -4.94 -5.14 -17.31
N GLU B 191 -3.64 -4.96 -17.56
CA GLU B 191 -3.00 -5.59 -18.70
C GLU B 191 -3.01 -7.12 -18.50
N ALA B 192 -2.88 -7.59 -17.25
CA ALA B 192 -2.92 -9.04 -17.00
C ALA B 192 -4.37 -9.52 -17.26
N THR B 193 -5.34 -8.73 -16.81
CA THR B 193 -6.74 -9.06 -16.99
C THR B 193 -7.10 -9.10 -18.50
N ARG B 194 -6.54 -8.17 -19.29
CA ARG B 194 -6.72 -8.24 -20.74
C ARG B 194 -6.19 -9.51 -21.33
N GLU B 195 -5.01 -9.97 -20.90
CA GLU B 195 -4.41 -11.14 -21.45
C GLU B 195 -5.22 -12.37 -21.08
N ILE B 196 -5.64 -12.43 -19.83
CA ILE B 196 -6.52 -13.49 -19.38
C ILE B 196 -7.78 -13.46 -20.28
N ALA B 197 -8.39 -12.28 -20.47
CA ALA B 197 -9.64 -12.18 -21.27
C ALA B 197 -9.42 -12.71 -22.71
N ARG B 198 -8.24 -12.42 -23.28
CA ARG B 198 -7.88 -12.94 -24.64
C ARG B 198 -7.82 -14.43 -24.67
N GLU B 199 -7.20 -15.01 -23.64
CA GLU B 199 -7.13 -16.46 -23.50
C GLU B 199 -8.51 -17.08 -23.39
N VAL B 200 -9.38 -16.43 -22.62
CA VAL B 200 -10.80 -16.91 -22.47
C VAL B 200 -11.50 -16.84 -23.84
N ALA B 201 -11.48 -15.66 -24.50
CA ALA B 201 -12.07 -15.46 -25.86
C ALA B 201 -11.56 -16.51 -26.88
N ALA B 202 -10.37 -17.04 -26.66
CA ALA B 202 -9.79 -18.05 -27.55
C ALA B 202 -10.08 -19.48 -27.14
N GLY B 203 -10.93 -19.66 -26.12
CA GLY B 203 -11.37 -20.98 -25.65
C GLY B 203 -10.20 -21.72 -25.01
N ARG B 204 -9.13 -21.01 -24.64
CA ARG B 204 -7.97 -21.64 -23.98
C ARG B 204 -7.95 -21.60 -22.43
N LEU B 205 -8.85 -20.82 -21.83
CA LEU B 205 -8.88 -20.70 -20.35
C LEU B 205 -10.35 -20.56 -20.00
N ASN B 206 -10.79 -21.32 -19.00
CA ASN B 206 -12.12 -21.20 -18.57
C ASN B 206 -12.20 -20.23 -17.37
N PRO B 207 -13.20 -19.34 -17.35
CA PRO B 207 -13.34 -18.30 -16.31
C PRO B 207 -13.35 -18.91 -14.89
N GLU B 208 -13.89 -20.13 -14.76
CA GLU B 208 -13.97 -20.72 -13.42
C GLU B 208 -12.70 -21.36 -13.00
N ARG B 209 -11.64 -21.30 -13.81
CA ARG B 209 -10.35 -21.86 -13.37
C ARG B 209 -9.43 -20.68 -13.03
N ILE B 210 -9.88 -19.45 -13.20
CA ILE B 210 -9.07 -18.27 -12.83
C ILE B 210 -8.89 -18.19 -11.28
N THR B 211 -7.65 -18.08 -10.85
CA THR B 211 -7.32 -17.96 -9.37
C THR B 211 -6.40 -16.75 -9.22
N GLU B 212 -6.03 -16.44 -7.97
CA GLU B 212 -5.02 -15.34 -7.84
C GLU B 212 -3.74 -15.64 -8.60
N SER B 213 -3.34 -16.89 -8.61
CA SER B 213 -2.15 -17.29 -9.39
C SER B 213 -2.26 -17.01 -10.83
N THR B 214 -3.46 -17.12 -11.39
CA THR B 214 -3.62 -16.86 -12.84
C THR B 214 -3.25 -15.39 -13.11
N ILE B 215 -3.76 -14.49 -12.25
CA ILE B 215 -3.40 -13.07 -12.41
C ILE B 215 -1.89 -12.93 -12.28
N ALA B 216 -1.30 -13.53 -11.24
CA ALA B 216 0.19 -13.38 -11.08
C ALA B 216 0.93 -13.87 -12.30
N ARG B 217 0.45 -14.99 -12.89
CA ARG B 217 1.20 -15.59 -14.04
C ARG B 217 1.06 -14.74 -15.28
N HIS B 218 0.09 -13.84 -15.31
CA HIS B 218 -0.13 -13.01 -16.52
C HIS B 218 0.30 -11.55 -16.37
N LEU B 219 0.89 -11.19 -15.22
CA LEU B 219 1.53 -9.85 -15.10
C LEU B 219 2.73 -9.80 -16.09
N GLN B 220 3.22 -8.60 -16.39
CA GLN B 220 4.21 -8.43 -17.42
C GLN B 220 5.47 -9.28 -17.12
N ARG B 221 5.93 -9.24 -15.87
CA ARG B 221 7.11 -10.00 -15.48
C ARG B 221 6.67 -10.92 -14.33
N PRO B 222 6.27 -12.16 -14.68
CA PRO B 222 5.61 -12.94 -13.63
C PRO B 222 6.60 -13.55 -12.67
N ASP B 223 7.88 -13.49 -13.00
CA ASP B 223 8.92 -13.95 -12.06
C ASP B 223 9.15 -12.99 -10.90
N ILE B 224 8.52 -11.81 -10.86
CA ILE B 224 8.86 -10.93 -9.72
C ILE B 224 8.25 -11.42 -8.41
N PRO B 225 9.07 -11.64 -7.38
CA PRO B 225 8.43 -12.10 -6.07
C PRO B 225 7.73 -10.97 -5.37
N ASP B 226 7.03 -11.32 -4.30
CA ASP B 226 6.36 -10.31 -3.52
C ASP B 226 7.38 -9.29 -3.03
N VAL B 227 6.92 -8.05 -2.78
CA VAL B 227 7.85 -7.04 -2.16
C VAL B 227 7.80 -7.33 -0.68
N ASP B 228 8.99 -7.49 -0.05
CA ASP B 228 9.01 -7.58 1.38
C ASP B 228 9.09 -6.21 2.00
N LEU B 229 9.85 -5.28 1.38
CA LEU B 229 10.06 -3.99 2.11
C LEU B 229 9.90 -2.87 1.07
N PHE B 230 9.01 -1.96 1.34
CA PHE B 230 8.65 -0.90 0.38
C PHE B 230 9.14 0.39 1.00
N LEU B 231 9.96 1.12 0.24
CA LEU B 231 10.56 2.37 0.80
C LEU B 231 10.14 3.57 0.02
N ARG B 232 9.71 4.61 0.74
CA ARG B 232 9.62 5.91 0.07
C ARG B 232 10.70 6.86 0.67
N THR B 233 11.07 7.86 -0.13
CA THR B 233 11.92 8.95 0.44
C THR B 233 11.17 10.29 0.49
N SER B 234 11.92 11.32 0.86
CA SER B 234 11.43 12.66 0.92
C SER B 234 10.14 12.79 1.77
N GLY B 235 9.96 11.89 2.71
CA GLY B 235 8.81 12.00 3.67
C GLY B 235 7.44 11.68 3.11
N GLU B 236 7.41 11.10 1.89
CA GLU B 236 6.15 10.79 1.23
C GLU B 236 5.61 9.54 1.96
N GLN B 237 4.33 9.54 2.28
CA GLN B 237 3.75 8.39 3.03
C GLN B 237 2.62 7.76 2.19
N ARG B 238 2.99 7.28 1.04
CA ARG B 238 1.98 6.63 0.09
C ARG B 238 2.68 5.55 -0.59
N SER B 239 1.90 4.66 -1.22
CA SER B 239 2.57 3.65 -2.07
C SER B 239 2.51 4.14 -3.58
N SER B 240 1.68 5.13 -3.84
CA SER B 240 1.57 5.73 -5.18
C SER B 240 1.53 4.66 -6.27
N ASN B 241 0.70 3.64 -6.05
CA ASN B 241 0.37 2.71 -7.18
C ASN B 241 1.59 1.95 -7.63
N PHE B 242 2.64 1.87 -6.76
CA PHE B 242 3.83 1.16 -7.20
C PHE B 242 3.83 -0.34 -6.76
N MET B 243 4.09 -1.26 -7.67
CA MET B 243 4.12 -2.68 -7.32
C MET B 243 2.83 -3.07 -6.61
N LEU B 244 1.71 -2.69 -7.16
CA LEU B 244 0.49 -2.74 -6.38
C LEU B 244 0.13 -4.20 -6.04
N TRP B 245 0.11 -5.10 -7.01
CA TRP B 245 -0.17 -6.52 -6.71
C TRP B 245 0.92 -7.12 -5.83
N GLN B 246 2.22 -6.82 -6.14
CA GLN B 246 3.34 -7.50 -5.52
C GLN B 246 3.57 -7.04 -4.08
N ALA B 247 3.13 -5.82 -3.72
CA ALA B 247 3.45 -5.21 -2.41
C ALA B 247 2.26 -5.36 -1.47
N ALA B 248 1.27 -6.21 -1.84
CA ALA B 248 0.03 -6.22 -1.04
C ALA B 248 0.32 -6.55 0.45
N TYR B 249 1.32 -7.38 0.69
CA TYR B 249 1.67 -7.70 2.07
C TYR B 249 3.00 -7.09 2.54
N ALA B 250 3.57 -6.13 1.82
CA ALA B 250 4.85 -5.55 2.21
C ALA B 250 4.82 -4.74 3.52
N GLU B 251 5.99 -4.68 4.15
CA GLU B 251 6.31 -3.70 5.19
C GLU B 251 6.68 -2.38 4.55
N TYR B 252 6.14 -1.26 5.04
CA TYR B 252 6.43 0.09 4.56
C TYR B 252 7.40 0.79 5.53
N ILE B 253 8.40 1.48 4.95
CA ILE B 253 9.21 2.44 5.74
C ILE B 253 9.27 3.73 4.92
N PHE B 254 8.87 4.83 5.53
CA PHE B 254 8.78 6.09 4.83
C PHE B 254 9.98 6.86 5.36
N GLN B 255 11.02 7.06 4.55
CA GLN B 255 12.25 7.80 5.02
C GLN B 255 12.13 9.29 4.67
N ASP B 256 12.70 10.17 5.51
CA ASP B 256 12.59 11.61 5.28
C ASP B 256 13.59 12.18 4.22
N LYS B 257 14.74 11.56 4.05
CA LYS B 257 15.79 12.10 3.23
C LYS B 257 15.37 12.26 1.77
N LEU B 258 15.78 13.36 1.11
CA LEU B 258 15.51 13.53 -0.32
C LEU B 258 16.41 12.60 -1.11
N TRP B 259 15.91 12.09 -2.24
CA TRP B 259 16.66 11.09 -2.98
C TRP B 259 18.07 11.51 -3.31
N PRO B 260 18.29 12.77 -3.79
CA PRO B 260 19.71 13.12 -4.07
C PRO B 260 20.69 13.10 -2.87
N ASP B 261 20.18 13.15 -1.61
CA ASP B 261 20.95 13.10 -0.40
C ASP B 261 21.12 11.65 0.09
N TYR B 262 20.39 10.71 -0.52
CA TYR B 262 20.36 9.29 -0.09
C TYR B 262 21.61 8.55 -0.44
N ASP B 263 22.06 7.58 0.38
CA ASP B 263 23.20 6.75 -0.01
C ASP B 263 22.99 5.33 0.54
N ARG B 264 23.85 4.38 0.19
CA ARG B 264 23.62 2.99 0.50
C ARG B 264 23.47 2.78 2.04
N ARG B 265 24.02 3.65 2.88
CA ARG B 265 23.80 3.47 4.34
C ARG B 265 22.33 3.70 4.75
N ASP B 266 21.59 4.54 4.04
CA ASP B 266 20.22 4.75 4.31
C ASP B 266 19.41 3.49 3.94
N LEU B 267 19.79 2.85 2.84
CA LEU B 267 19.14 1.58 2.41
C LEU B 267 19.41 0.53 3.54
N TRP B 268 20.69 0.43 3.97
CA TRP B 268 20.99 -0.52 5.02
C TRP B 268 20.23 -0.19 6.28
N ALA B 269 20.09 1.06 6.65
CA ALA B 269 19.38 1.34 7.89
C ALA B 269 17.90 0.88 7.78
N ALA B 270 17.30 1.13 6.61
CA ALA B 270 15.86 0.71 6.44
C ALA B 270 15.82 -0.81 6.55
N CYS B 271 16.81 -1.50 5.99
CA CYS B 271 16.81 -2.96 6.04
C CYS B 271 17.01 -3.51 7.49
N GLU B 272 17.76 -2.78 8.28
CA GLU B 272 17.95 -3.12 9.73
C GLU B 272 16.68 -2.92 10.47
N GLU B 273 15.90 -1.92 10.09
CA GLU B 273 14.64 -1.65 10.74
C GLU B 273 13.68 -2.77 10.40
N TYR B 274 13.65 -3.11 9.11
CA TYR B 274 12.82 -4.25 8.64
C TYR B 274 13.20 -5.53 9.38
N ALA B 275 14.50 -5.82 9.49
CA ALA B 275 14.91 -7.08 10.14
C ALA B 275 14.56 -7.18 11.62
N SER B 276 14.47 -6.04 12.30
CA SER B 276 14.00 -5.96 13.65
C SER B 276 12.53 -6.04 13.91
N ARG B 277 11.69 -5.85 12.91
CA ARG B 277 10.28 -5.79 13.17
C ARG B 277 9.80 -7.19 13.59
N THR B 278 9.01 -7.22 14.64
CA THR B 278 8.42 -8.50 15.07
C THR B 278 7.47 -8.95 14.01
N ARG B 279 7.59 -10.23 13.63
CA ARG B 279 6.75 -10.73 12.57
C ARG B 279 5.54 -11.30 13.23
N ARG B 280 4.39 -10.76 12.91
CA ARG B 280 3.16 -11.12 13.64
C ARG B 280 2.47 -12.40 13.09
N PHE B 281 1.37 -12.80 13.76
CA PHE B 281 0.76 -14.09 13.52
C PHE B 281 0.46 -14.17 12.02
N GLY B 282 0.80 -15.28 11.42
CA GLY B 282 0.44 -15.62 10.05
C GLY B 282 1.29 -14.91 8.98
N SER B 283 2.22 -14.08 9.38
CA SER B 283 2.99 -13.35 8.36
C SER B 283 4.13 -14.15 7.68
N ALA B 284 4.05 -14.27 6.33
CA ALA B 284 5.07 -14.89 5.44
C ALA B 284 6.60 -14.48 5.62
#